data_6HOY
#
_entry.id   6HOY
#
_cell.length_a   91.291
_cell.length_b   91.291
_cell.length_c   143.681
_cell.angle_alpha   90.00
_cell.angle_beta   90.00
_cell.angle_gamma   120.00
#
_symmetry.space_group_name_H-M   'P 63'
#
loop_
_entity.id
_entity.type
_entity.pdbx_description
1 polymer 'NAD-dependent protein deacetylase sirtuin-6'
2 non-polymer '[(2R,3S,4R,5R)-5-(6-AMINOPURIN-9-YL)-3,4-DIHYDROXY-OXOLAN-2-YL]METHYL [HYDROXY-[[(2R,3S,4R,5S)-3,4,5-TRIHYDROXYOXOLAN-2-YL]METHOXY]PHOSPHORYL] HYDROGEN PHOSPHATE'
3 non-polymer 'ZINC ION'
4 non-polymer 'TETRAETHYLENE GLYCOL'
5 non-polymer 1,2-ETHANEDIOL
6 non-polymer 'SULFATE ION'
7 non-polymer 'TRICHOSTATIN A'
8 water water
#
_entity_poly.entity_id   1
_entity_poly.type   'polypeptide(L)'
_entity_poly.pdbx_seq_one_letter_code
;GIDPFTADKGKCGLPEIFDPPEELERKVWELARLVWQSSSVVFHTGAGISTASGIPDFRGPHGVWTMEERGLAPKFDTTF
ESARPTQTHMALVQLERVGLLRFLVSQNVDGLHVRSGFPRDKLAELHGNMFVEECAKCKTQYVRDTVVGTMGLKATGRLC
TVAKARGLRACRGELRDTILDWEDSLPDRDLALADEASRNADLSITLGTSLQIRPSGNLPLATKRRGGRLVIVNLQPTKH
DRHADLRIHGYVDEVMTRLMKHLGLEIPAWDGPRVLERALPPLPRPPTPKLEPKEESPTRIN
;
_entity_poly.pdbx_strand_id   A,B
#
loop_
_chem_comp.id
_chem_comp.type
_chem_comp.name
_chem_comp.formula
AR6 non-polymer '[(2R,3S,4R,5R)-5-(6-AMINOPURIN-9-YL)-3,4-DIHYDROXY-OXOLAN-2-YL]METHYL [HYDROXY-[[(2R,3S,4R,5S)-3,4,5-TRIHYDROXYOXOLAN-2-YL]METHOXY]PHOSPHORYL] HYDROGEN PHOSPHATE' 'C15 H23 N5 O14 P2'
EDO non-polymer 1,2-ETHANEDIOL 'C2 H6 O2'
PG4 non-polymer 'TETRAETHYLENE GLYCOL' 'C8 H18 O5'
SO4 non-polymer 'SULFATE ION' 'O4 S -2'
TSN non-polymer 'TRICHOSTATIN A' 'C17 H22 N2 O3'
ZN non-polymer 'ZINC ION' 'Zn 2'
#
# COMPACT_ATOMS: atom_id res chain seq x y z
N PRO A 4 18.65 3.19 26.34
CA PRO A 4 18.49 2.08 25.36
C PRO A 4 17.12 1.39 25.53
N PHE A 5 16.88 0.80 26.70
CA PHE A 5 15.53 0.45 27.22
C PHE A 5 14.84 1.75 27.67
N THR A 6 15.62 2.75 28.12
CA THR A 6 15.06 4.04 28.66
C THR A 6 15.16 5.13 27.59
N ALA A 7 15.75 4.86 26.41
CA ALA A 7 15.79 5.79 25.24
C ALA A 7 14.50 6.62 25.20
N ASP A 8 14.60 7.95 25.09
CA ASP A 8 13.42 8.84 24.95
C ASP A 8 12.80 8.61 23.57
N LYS A 9 11.56 8.11 23.55
CA LYS A 9 10.83 7.80 22.28
C LYS A 9 9.91 8.98 21.90
N GLY A 10 9.95 10.08 22.65
CA GLY A 10 9.28 11.34 22.30
C GLY A 10 7.79 11.26 22.55
N LYS A 11 7.07 12.22 21.97
CA LYS A 11 5.60 12.29 22.06
C LYS A 11 5.01 11.25 21.10
N CYS A 12 4.30 10.26 21.64
CA CYS A 12 3.64 9.18 20.88
C CYS A 12 2.13 9.31 20.96
N GLY A 13 1.47 8.99 19.87
CA GLY A 13 0.00 8.82 19.75
C GLY A 13 -0.78 10.13 19.96
N LEU A 14 -0.21 11.31 19.66
CA LEU A 14 -0.95 12.58 19.53
C LEU A 14 -2.15 12.42 18.60
N PRO A 15 -3.27 13.17 18.86
CA PRO A 15 -4.47 13.06 18.03
C PRO A 15 -4.13 13.42 16.56
N GLU A 16 -4.80 12.82 15.61
CA GLU A 16 -4.64 13.23 14.19
C GLU A 16 -5.46 14.50 13.94
N ILE A 17 -5.05 15.28 12.96
CA ILE A 17 -5.78 16.49 12.48
C ILE A 17 -6.16 16.24 10.99
N PHE A 18 -7.42 16.50 10.56
CA PHE A 18 -7.82 16.41 9.13
C PHE A 18 -8.30 17.79 8.67
N ASP A 19 -7.52 18.46 7.82
CA ASP A 19 -7.97 19.67 7.09
C ASP A 19 -9.29 19.30 6.41
N PRO A 20 -10.35 20.12 6.55
CA PRO A 20 -11.58 19.87 5.80
C PRO A 20 -11.26 20.04 4.30
N PRO A 21 -12.13 19.50 3.43
CA PRO A 21 -11.79 19.36 2.00
C PRO A 21 -11.50 20.67 1.24
N GLU A 22 -12.19 21.78 1.50
CA GLU A 22 -11.98 23.03 0.72
C GLU A 22 -10.62 23.58 1.12
N GLU A 23 -10.32 23.46 2.41
CA GLU A 23 -9.06 23.98 2.99
C GLU A 23 -7.93 23.12 2.43
N LEU A 24 -8.09 21.81 2.44
CA LEU A 24 -7.05 20.91 1.90
C LEU A 24 -6.77 21.27 0.43
N GLU A 25 -7.80 21.41 -0.40
CA GLU A 25 -7.64 21.85 -1.83
C GLU A 25 -6.87 23.18 -1.91
N ARG A 26 -7.22 24.21 -1.14
CA ARG A 26 -6.54 25.53 -1.23
C ARG A 26 -5.06 25.38 -0.82
N LYS A 27 -4.75 24.60 0.22
CA LYS A 27 -3.36 24.43 0.71
C LYS A 27 -2.52 23.65 -0.31
N VAL A 28 -3.11 22.68 -1.01
CA VAL A 28 -2.32 21.96 -2.02
C VAL A 28 -2.09 22.89 -3.22
N TRP A 29 -3.02 23.80 -3.50
CA TRP A 29 -2.80 24.79 -4.59
C TRP A 29 -1.66 25.73 -4.18
N GLU A 30 -1.57 26.08 -2.92
CA GLU A 30 -0.49 26.96 -2.39
C GLU A 30 0.84 26.21 -2.40
N LEU A 31 0.83 24.90 -2.16
CA LEU A 31 2.04 24.07 -2.25
C LEU A 31 2.53 24.04 -3.71
N ALA A 32 1.64 23.85 -4.69
CA ALA A 32 1.94 23.96 -6.16
C ALA A 32 2.63 25.30 -6.48
N ARG A 33 2.03 26.41 -6.04
CA ARG A 33 2.57 27.81 -6.12
C ARG A 33 3.98 27.86 -5.53
N LEU A 34 4.25 27.36 -4.32
CA LEU A 34 5.65 27.41 -3.79
C LEU A 34 6.64 26.59 -4.64
N VAL A 35 6.25 25.43 -5.14
CA VAL A 35 7.14 24.56 -5.92
C VAL A 35 7.52 25.34 -7.21
N TRP A 36 6.52 25.91 -7.89
CA TRP A 36 6.69 26.68 -9.15
C TRP A 36 7.67 27.85 -8.91
N GLN A 37 7.56 28.53 -7.79
CA GLN A 37 8.38 29.73 -7.48
C GLN A 37 9.77 29.37 -6.95
N SER A 38 10.00 28.16 -6.44
CA SER A 38 11.27 27.86 -5.75
C SER A 38 12.31 27.37 -6.74
N SER A 39 13.58 27.73 -6.53
CA SER A 39 14.72 27.32 -7.38
C SER A 39 15.27 25.96 -6.94
N SER A 40 15.18 25.65 -5.66
CA SER A 40 15.89 24.47 -5.05
C SER A 40 14.96 23.88 -3.98
N VAL A 41 14.29 22.76 -4.32
CA VAL A 41 13.28 22.10 -3.41
C VAL A 41 13.90 20.84 -2.81
N VAL A 42 13.85 20.72 -1.47
CA VAL A 42 14.35 19.54 -0.72
C VAL A 42 13.16 18.89 -0.03
N PHE A 43 13.02 17.59 -0.21
CA PHE A 43 11.98 16.78 0.45
C PHE A 43 12.65 16.04 1.60
N HIS A 44 11.94 16.04 2.71
CA HIS A 44 12.22 15.29 3.94
C HIS A 44 11.09 14.29 4.18
N THR A 45 11.44 13.03 4.23
CA THR A 45 10.43 11.98 4.46
C THR A 45 10.74 11.23 5.76
N GLY A 46 9.66 10.75 6.32
CA GLY A 46 9.62 9.77 7.40
C GLY A 46 8.49 8.76 7.25
N ALA A 47 8.28 8.01 8.36
CA ALA A 47 7.62 6.68 8.36
C ALA A 47 6.20 6.87 7.83
N GLY A 48 5.59 8.07 7.96
CA GLY A 48 4.21 8.38 7.46
C GLY A 48 4.04 8.13 5.94
N ILE A 49 5.11 8.17 5.16
CA ILE A 49 4.99 7.96 3.68
C ILE A 49 4.92 6.43 3.32
N SER A 50 4.99 5.47 4.25
CA SER A 50 5.05 4.00 4.05
C SER A 50 3.89 3.31 4.74
N THR A 51 3.12 4.07 5.54
CA THR A 51 2.02 3.47 6.30
C THR A 51 0.99 2.99 5.26
N ALA A 52 0.82 3.65 4.14
CA ALA A 52 -0.16 3.21 3.06
C ALA A 52 0.37 1.97 2.26
N SER A 53 1.59 1.50 2.51
CA SER A 53 2.19 0.21 2.03
CA SER A 53 2.04 0.18 1.98
C SER A 53 2.06 -0.93 3.04
N GLY A 54 1.48 -0.63 4.21
CA GLY A 54 1.36 -1.53 5.39
C GLY A 54 2.52 -1.64 6.34
N ILE A 55 3.44 -0.68 6.33
CA ILE A 55 4.54 -0.55 7.32
C ILE A 55 4.06 0.47 8.34
N PRO A 56 4.06 0.10 9.64
CA PRO A 56 3.66 0.97 10.71
C PRO A 56 4.68 2.12 10.84
N ASP A 57 4.20 3.25 11.24
CA ASP A 57 5.11 4.35 11.67
C ASP A 57 5.46 4.11 13.15
N PHE A 58 6.16 5.06 13.80
CA PHE A 58 6.70 4.96 15.17
C PHE A 58 5.73 5.59 16.17
N ARG A 59 5.16 6.73 15.78
CA ARG A 59 4.54 7.63 16.82
C ARG A 59 3.12 8.01 16.43
N GLY A 60 2.62 7.43 15.34
CA GLY A 60 1.21 7.48 14.98
C GLY A 60 0.31 6.78 15.99
N PRO A 61 -1.04 6.83 15.80
CA PRO A 61 -1.93 6.16 16.74
C PRO A 61 -1.62 4.68 16.97
N HIS A 62 -1.24 3.96 15.87
CA HIS A 62 -0.82 2.53 15.92
C HIS A 62 0.65 2.40 15.62
N GLY A 63 1.43 3.42 15.92
CA GLY A 63 2.86 3.29 15.63
C GLY A 63 3.60 2.29 16.52
N VAL A 64 4.80 1.92 16.12
CA VAL A 64 5.67 1.00 16.91
C VAL A 64 5.81 1.48 18.37
N TRP A 65 6.19 2.74 18.64
CA TRP A 65 6.47 3.19 20.03
C TRP A 65 5.16 3.43 20.77
N THR A 66 4.17 3.99 20.09
CA THR A 66 2.81 4.25 20.64
C THR A 66 2.23 2.91 21.18
N MET A 67 2.22 1.89 20.36
CA MET A 67 1.72 0.54 20.77
C MET A 67 2.55 -0.05 21.92
N GLU A 68 3.88 0.02 21.87
CA GLU A 68 4.75 -0.44 22.97
C GLU A 68 4.36 0.28 24.27
N GLU A 69 4.23 1.61 24.25
CA GLU A 69 3.75 2.44 25.39
C GLU A 69 2.42 1.93 25.96
N ARG A 70 1.46 1.49 25.13
CA ARG A 70 0.16 0.90 25.59
C ARG A 70 0.21 -0.62 25.85
N GLY A 71 1.38 -1.27 25.85
CA GLY A 71 1.54 -2.73 25.94
C GLY A 71 0.83 -3.51 24.81
N LEU A 72 0.73 -2.94 23.61
CA LEU A 72 0.16 -3.64 22.41
C LEU A 72 1.26 -3.76 21.37
N ALA A 73 0.98 -4.40 20.25
CA ALA A 73 2.03 -4.70 19.23
C ALA A 73 1.71 -3.86 18.00
N PRO A 74 2.71 -3.34 17.26
CA PRO A 74 2.43 -2.73 15.97
C PRO A 74 2.10 -3.90 15.02
N LYS A 75 1.50 -3.58 13.86
CA LYS A 75 1.09 -4.61 12.88
C LYS A 75 1.69 -4.21 11.53
N PHE A 76 2.28 -5.22 10.92
CA PHE A 76 2.76 -5.17 9.51
C PHE A 76 1.68 -5.85 8.68
N ASP A 77 1.38 -5.25 7.54
CA ASP A 77 0.47 -5.82 6.52
C ASP A 77 1.31 -6.32 5.34
N THR A 78 2.65 -6.21 5.41
CA THR A 78 3.66 -6.69 4.43
C THR A 78 4.96 -7.08 5.10
N THR A 79 5.80 -7.86 4.41
CA THR A 79 7.25 -7.83 4.74
C THR A 79 7.87 -6.59 4.14
N PHE A 80 9.10 -6.32 4.58
CA PHE A 80 9.84 -5.29 3.86
C PHE A 80 10.13 -5.74 2.45
N GLU A 81 10.44 -7.02 2.19
CA GLU A 81 10.73 -7.49 0.80
C GLU A 81 9.46 -7.31 -0.08
N SER A 82 8.26 -7.58 0.42
CA SER A 82 7.02 -7.57 -0.40
CA SER A 82 6.99 -7.60 -0.37
C SER A 82 6.31 -6.21 -0.49
N ALA A 83 6.74 -5.22 0.25
CA ALA A 83 6.22 -3.82 0.28
C ALA A 83 6.43 -3.17 -1.09
N ARG A 84 5.43 -2.44 -1.54
CA ARG A 84 5.54 -1.63 -2.76
C ARG A 84 5.67 -0.13 -2.44
N PRO A 85 6.50 0.67 -3.17
CA PRO A 85 6.51 2.13 -3.08
C PRO A 85 5.07 2.60 -3.21
N THR A 86 4.67 3.52 -2.33
CA THR A 86 3.40 4.29 -2.34
C THR A 86 3.36 5.23 -3.55
N GLN A 87 2.22 5.81 -3.82
CA GLN A 87 1.99 6.90 -4.81
C GLN A 87 2.98 8.04 -4.46
N THR A 88 3.16 8.34 -3.17
CA THR A 88 4.09 9.36 -2.65
C THR A 88 5.52 9.01 -3.08
N HIS A 89 6.02 7.79 -2.83
CA HIS A 89 7.38 7.36 -3.27
C HIS A 89 7.53 7.60 -4.77
N MET A 90 6.58 7.13 -5.61
CA MET A 90 6.74 7.28 -7.08
C MET A 90 6.56 8.73 -7.55
N ALA A 91 5.75 9.57 -6.88
CA ALA A 91 5.67 11.02 -7.14
C ALA A 91 7.12 11.56 -6.96
N LEU A 92 7.78 11.22 -5.87
CA LEU A 92 9.17 11.74 -5.56
C LEU A 92 10.13 11.33 -6.68
N VAL A 93 10.01 10.12 -7.23
CA VAL A 93 10.83 9.60 -8.37
C VAL A 93 10.64 10.61 -9.50
N GLN A 94 9.39 10.89 -9.90
CA GLN A 94 9.04 11.79 -11.02
C GLN A 94 9.58 13.21 -10.82
N LEU A 95 9.51 13.81 -9.61
CA LEU A 95 9.81 15.24 -9.29
C LEU A 95 11.30 15.35 -9.41
N GLU A 96 11.92 14.26 -9.08
CA GLU A 96 13.42 14.22 -9.31
C GLU A 96 13.75 14.24 -10.82
N ARG A 97 13.11 13.36 -11.58
CA ARG A 97 13.37 13.14 -13.02
C ARG A 97 13.24 14.44 -13.81
N VAL A 98 12.30 15.31 -13.46
CA VAL A 98 11.90 16.53 -14.22
C VAL A 98 12.61 17.72 -13.63
N GLY A 99 13.40 17.48 -12.57
CA GLY A 99 14.23 18.45 -11.88
C GLY A 99 13.50 19.40 -10.94
N LEU A 100 12.31 19.09 -10.40
CA LEU A 100 11.60 19.84 -9.35
C LEU A 100 12.07 19.50 -7.93
N LEU A 101 12.78 18.40 -7.77
CA LEU A 101 13.34 17.95 -6.45
C LEU A 101 14.86 17.94 -6.56
N ARG A 102 15.52 18.76 -5.76
CA ARG A 102 17.00 18.84 -5.76
C ARG A 102 17.63 17.68 -5.02
N PHE A 103 17.08 17.38 -3.82
CA PHE A 103 17.62 16.34 -2.92
C PHE A 103 16.44 15.81 -2.09
N LEU A 104 16.69 14.65 -1.54
CA LEU A 104 15.73 13.87 -0.76
C LEU A 104 16.47 13.34 0.46
N VAL A 105 15.96 13.72 1.62
CA VAL A 105 16.46 13.36 2.98
C VAL A 105 15.42 12.45 3.69
N SER A 106 15.76 11.20 3.98
CA SER A 106 14.84 10.27 4.64
C SER A 106 15.41 9.73 5.93
N GLN A 107 14.50 9.57 6.90
CA GLN A 107 14.74 8.87 8.16
C GLN A 107 14.42 7.38 8.00
N ASN A 108 13.75 7.01 6.93
CA ASN A 108 13.20 5.66 6.81
C ASN A 108 14.30 4.64 6.60
N VAL A 109 14.18 3.54 7.29
CA VAL A 109 14.99 2.37 6.98
C VAL A 109 14.34 1.35 6.02
N ASP A 110 13.10 1.56 5.68
CA ASP A 110 12.33 0.52 4.94
C ASP A 110 12.92 0.26 3.51
N GLY A 111 13.96 0.93 2.98
CA GLY A 111 14.56 0.54 1.67
C GLY A 111 13.73 0.88 0.44
N LEU A 112 12.57 1.55 0.64
CA LEU A 112 11.58 1.85 -0.46
C LEU A 112 12.01 3.04 -1.33
N HIS A 113 12.70 4.09 -0.87
CA HIS A 113 13.16 5.09 -1.85
C HIS A 113 14.13 4.41 -2.83
N VAL A 114 15.09 3.65 -2.33
CA VAL A 114 16.07 2.91 -3.19
C VAL A 114 15.32 2.02 -4.18
N ARG A 115 14.46 1.18 -3.65
CA ARG A 115 13.75 0.14 -4.43
C ARG A 115 12.80 0.78 -5.46
N SER A 116 12.32 2.01 -5.25
CA SER A 116 11.48 2.76 -6.20
C SER A 116 12.28 3.18 -7.46
N GLY A 117 13.60 3.13 -7.42
CA GLY A 117 14.54 3.59 -8.48
C GLY A 117 14.98 5.06 -8.31
N PHE A 118 14.81 5.64 -7.12
CA PHE A 118 15.17 7.02 -6.79
C PHE A 118 16.71 7.00 -6.78
N PRO A 119 17.41 7.99 -7.37
CA PRO A 119 18.86 7.98 -7.52
C PRO A 119 19.53 8.23 -6.16
N ARG A 120 20.43 7.32 -5.81
CA ARG A 120 21.11 7.22 -4.50
C ARG A 120 22.02 8.41 -4.32
N ASP A 121 22.50 8.95 -5.44
CA ASP A 121 23.33 10.21 -5.32
C ASP A 121 22.46 11.44 -4.98
N LYS A 122 21.12 11.41 -5.02
CA LYS A 122 20.28 12.53 -4.54
C LYS A 122 19.51 12.22 -3.24
N LEU A 123 19.92 11.18 -2.52
CA LEU A 123 19.24 10.54 -1.38
C LEU A 123 20.21 10.50 -0.18
N ALA A 124 19.80 11.05 0.98
CA ALA A 124 20.46 10.82 2.27
C ALA A 124 19.54 9.88 3.03
N GLU A 125 20.09 8.75 3.40
CA GLU A 125 19.36 7.74 4.20
C GLU A 125 19.96 7.86 5.61
N LEU A 126 19.41 8.76 6.38
CA LEU A 126 20.05 9.24 7.65
C LEU A 126 20.12 8.15 8.72
N HIS A 127 19.13 7.24 8.82
CA HIS A 127 19.03 6.16 9.86
C HIS A 127 19.41 4.77 9.33
N GLY A 128 19.79 4.67 8.05
CA GLY A 128 20.19 3.42 7.41
C GLY A 128 19.07 2.83 6.53
N ASN A 129 19.40 1.69 5.96
CA ASN A 129 18.55 0.97 4.99
C ASN A 129 18.69 -0.50 5.34
N MET A 130 17.56 -1.17 5.55
CA MET A 130 17.43 -2.58 6.01
CA MET A 130 17.62 -2.55 6.09
C MET A 130 18.10 -3.52 5.01
N PHE A 131 18.16 -3.09 3.73
CA PHE A 131 18.65 -3.88 2.56
C PHE A 131 20.14 -3.66 2.23
N VAL A 132 20.79 -2.74 2.92
CA VAL A 132 22.18 -2.26 2.66
C VAL A 132 23.12 -2.70 3.75
N GLU A 133 24.16 -3.44 3.37
CA GLU A 133 25.30 -3.71 4.25
C GLU A 133 26.52 -3.01 3.67
N GLU A 134 27.48 -2.71 4.53
CA GLU A 134 28.68 -1.89 4.21
C GLU A 134 29.94 -2.57 4.77
N CYS A 135 30.97 -2.73 3.93
CA CYS A 135 32.30 -3.33 4.25
C CYS A 135 32.94 -2.45 5.32
N ALA A 136 33.10 -2.99 6.52
CA ALA A 136 33.85 -2.34 7.62
C ALA A 136 35.27 -1.97 7.15
N LYS A 137 35.81 -2.62 6.10
CA LYS A 137 37.18 -2.33 5.59
C LYS A 137 37.17 -1.22 4.54
N CYS A 138 36.55 -1.42 3.38
CA CYS A 138 36.66 -0.52 2.20
C CYS A 138 35.46 0.46 2.13
N LYS A 139 34.43 0.30 2.98
CA LYS A 139 33.20 1.16 3.03
C LYS A 139 32.27 0.94 1.84
N THR A 140 32.58 -0.01 0.96
CA THR A 140 31.77 -0.38 -0.21
C THR A 140 30.44 -0.92 0.30
N GLN A 141 29.36 -0.33 -0.18
CA GLN A 141 27.97 -0.68 0.12
C GLN A 141 27.43 -1.69 -0.89
N TYR A 142 26.57 -2.54 -0.39
CA TYR A 142 25.88 -3.57 -1.18
C TYR A 142 24.37 -3.39 -0.93
N VAL A 143 23.62 -3.27 -2.02
CA VAL A 143 22.15 -3.08 -1.88
C VAL A 143 21.54 -4.43 -2.20
N ARG A 144 21.02 -5.15 -1.17
CA ARG A 144 20.58 -6.56 -1.33
C ARG A 144 19.09 -6.61 -1.69
N ASP A 145 18.68 -7.75 -2.24
CA ASP A 145 17.25 -8.03 -2.55
C ASP A 145 16.48 -8.51 -1.32
N THR A 146 17.13 -8.69 -0.20
CA THR A 146 16.45 -9.11 1.05
C THR A 146 17.04 -8.31 2.17
N VAL A 147 16.29 -8.16 3.28
CA VAL A 147 16.83 -7.37 4.43
C VAL A 147 18.09 -8.07 4.92
N VAL A 148 19.11 -7.33 5.36
CA VAL A 148 20.44 -7.97 5.59
C VAL A 148 20.46 -8.89 6.83
N GLY A 149 19.57 -8.68 7.82
CA GLY A 149 19.29 -9.69 8.88
C GLY A 149 19.74 -9.28 10.25
N THR A 150 20.49 -8.17 10.40
CA THR A 150 20.95 -7.60 11.69
C THR A 150 20.62 -6.10 11.78
N MET A 151 20.61 -5.55 13.01
CA MET A 151 20.44 -4.09 13.24
C MET A 151 21.44 -3.66 14.30
N GLY A 152 21.80 -2.39 14.26
CA GLY A 152 22.78 -1.78 15.19
C GLY A 152 24.21 -1.81 14.71
N LEU A 153 24.48 -1.95 13.39
CA LEU A 153 25.84 -1.93 12.78
C LEU A 153 26.63 -3.19 13.19
N LYS A 154 25.95 -4.33 13.30
CA LYS A 154 26.55 -5.68 13.57
C LYS A 154 27.03 -6.38 12.28
N ALA A 155 27.95 -7.33 12.42
CA ALA A 155 28.41 -8.25 11.35
C ALA A 155 27.21 -9.08 10.85
N THR A 156 26.93 -9.02 9.56
CA THR A 156 25.84 -9.81 8.95
C THR A 156 26.28 -11.27 8.77
N GLY A 157 27.59 -11.51 8.77
CA GLY A 157 28.17 -12.84 8.53
C GLY A 157 28.71 -12.98 7.12
N ARG A 158 28.43 -12.02 6.23
CA ARG A 158 28.96 -12.03 4.85
C ARG A 158 30.24 -11.16 4.82
N LEU A 159 31.07 -11.38 3.80
CA LEU A 159 32.38 -10.73 3.57
C LEU A 159 32.36 -9.97 2.25
N CYS A 160 33.23 -8.99 2.14
CA CYS A 160 33.36 -8.10 0.98
C CYS A 160 33.95 -8.86 -0.23
N THR A 161 33.46 -8.58 -1.44
CA THR A 161 33.81 -9.28 -2.70
C THR A 161 34.44 -8.31 -3.69
N VAL A 162 34.82 -7.11 -3.23
CA VAL A 162 35.61 -6.14 -4.05
C VAL A 162 37.06 -6.65 -4.17
N ALA A 163 37.60 -6.75 -5.39
CA ALA A 163 39.03 -7.06 -5.67
C ALA A 163 39.94 -6.38 -4.63
N CYS A 171 39.02 -8.07 -1.03
CA CYS A 171 39.04 -7.30 0.25
C CYS A 171 38.69 -8.19 1.45
N ARG A 172 37.64 -9.01 1.36
CA ARG A 172 37.21 -9.98 2.42
C ARG A 172 36.89 -9.27 3.75
N GLY A 173 36.71 -7.94 3.73
CA GLY A 173 36.28 -7.18 4.91
C GLY A 173 34.91 -7.64 5.36
N GLU A 174 34.63 -7.41 6.64
CA GLU A 174 33.41 -7.84 7.36
C GLU A 174 32.28 -6.91 6.94
N LEU A 175 31.18 -7.45 6.40
CA LEU A 175 29.97 -6.66 6.04
C LEU A 175 29.16 -6.43 7.31
N ARG A 176 28.67 -5.21 7.50
CA ARG A 176 27.82 -4.91 8.67
C ARG A 176 26.54 -4.24 8.19
N ASP A 177 25.47 -4.31 8.99
CA ASP A 177 24.22 -3.57 8.65
C ASP A 177 24.48 -2.07 8.77
N THR A 178 23.60 -1.25 8.20
CA THR A 178 23.67 0.24 8.32
C THR A 178 22.56 0.77 9.23
N ILE A 179 21.93 -0.07 10.03
CA ILE A 179 20.82 0.40 10.90
C ILE A 179 21.42 0.95 12.21
N LEU A 180 21.26 2.25 12.43
CA LEU A 180 21.79 2.94 13.64
C LEU A 180 21.03 2.44 14.86
N ASP A 181 21.71 2.15 15.96
CA ASP A 181 21.04 2.04 17.28
C ASP A 181 20.98 3.43 17.91
N TRP A 182 20.25 3.55 19.03
CA TRP A 182 19.94 4.85 19.69
C TRP A 182 21.22 5.67 19.90
N GLU A 183 22.35 5.03 20.23
CA GLU A 183 23.59 5.78 20.64
C GLU A 183 24.46 6.08 19.42
N ASP A 184 24.08 5.62 18.22
CA ASP A 184 24.97 5.69 17.03
C ASP A 184 24.75 7.04 16.35
N SER A 185 25.83 7.80 16.15
CA SER A 185 25.79 9.06 15.38
C SER A 185 25.51 8.72 13.90
N LEU A 186 25.01 9.71 13.17
CA LEU A 186 24.52 9.58 11.77
C LEU A 186 25.68 9.39 10.81
N PRO A 187 25.52 8.61 9.72
CA PRO A 187 26.52 8.54 8.65
C PRO A 187 26.94 9.96 8.20
N ASP A 188 28.24 10.25 8.24
CA ASP A 188 28.79 11.62 8.06
C ASP A 188 28.50 12.16 6.66
N ARG A 189 28.70 11.33 5.63
CA ARG A 189 28.47 11.71 4.22
C ARG A 189 26.99 12.07 4.03
N ASP A 190 26.08 11.20 4.48
CA ASP A 190 24.61 11.43 4.30
C ASP A 190 24.21 12.68 5.07
N LEU A 191 24.68 12.85 6.30
CA LEU A 191 24.31 14.04 7.11
C LEU A 191 24.86 15.31 6.46
N ALA A 192 26.12 15.30 6.01
CA ALA A 192 26.75 16.50 5.42
C ALA A 192 26.00 16.90 4.14
N LEU A 193 25.68 15.95 3.25
CA LEU A 193 24.92 16.27 2.00
C LEU A 193 23.48 16.78 2.34
N ALA A 194 22.79 16.16 3.27
CA ALA A 194 21.43 16.57 3.69
C ALA A 194 21.46 18.00 4.22
N ASP A 195 22.43 18.31 5.10
CA ASP A 195 22.60 19.65 5.71
C ASP A 195 22.85 20.68 4.59
N GLU A 196 23.77 20.35 3.69
CA GLU A 196 24.17 21.26 2.57
C GLU A 196 22.94 21.52 1.69
N ALA A 197 22.25 20.45 1.31
CA ALA A 197 20.97 20.56 0.56
C ALA A 197 19.97 21.45 1.30
N SER A 198 19.77 21.26 2.61
CA SER A 198 18.74 21.94 3.43
C SER A 198 19.10 23.43 3.53
N ARG A 199 20.38 23.75 3.79
CA ARG A 199 20.86 25.16 3.95
C ARG A 199 20.65 25.95 2.64
N ASN A 200 20.94 25.30 1.50
CA ASN A 200 20.92 25.86 0.12
C ASN A 200 19.48 25.94 -0.42
N ALA A 201 18.52 25.19 0.13
CA ALA A 201 17.14 25.14 -0.39
C ALA A 201 16.40 26.47 -0.15
N ASP A 202 15.49 26.86 -1.03
CA ASP A 202 14.54 27.96 -0.76
C ASP A 202 13.17 27.34 -0.46
N LEU A 203 13.04 26.03 -0.65
CA LEU A 203 11.78 25.36 -0.23
C LEU A 203 12.14 23.97 0.34
N SER A 204 11.77 23.69 1.58
CA SER A 204 11.86 22.35 2.28
C SER A 204 10.42 21.93 2.60
N ILE A 205 10.05 20.75 2.13
CA ILE A 205 8.72 20.06 2.29
C ILE A 205 8.91 18.77 3.10
N THR A 206 8.18 18.63 4.23
CA THR A 206 8.29 17.50 5.14
C THR A 206 7.02 16.66 4.84
N LEU A 207 7.23 15.36 4.70
CA LEU A 207 6.12 14.38 4.39
C LEU A 207 6.15 13.30 5.46
N GLY A 208 5.13 13.12 6.31
CA GLY A 208 5.04 11.96 7.22
C GLY A 208 6.22 11.82 8.13
N THR A 209 6.72 12.93 8.72
CA THR A 209 7.63 12.89 9.89
C THR A 209 7.16 13.90 10.96
N SER A 210 7.20 13.47 12.21
CA SER A 210 6.84 14.25 13.40
C SER A 210 8.03 15.20 13.76
N LEU A 211 9.19 15.01 13.15
CA LEU A 211 10.36 15.94 13.26
C LEU A 211 10.89 16.02 14.72
N GLN A 212 10.80 14.94 15.49
CA GLN A 212 11.17 14.83 16.91
C GLN A 212 12.62 14.38 17.08
N ILE A 213 13.30 13.82 16.07
CA ILE A 213 14.67 13.31 16.20
C ILE A 213 15.64 14.40 15.80
N ARG A 214 16.63 14.65 16.63
CA ARG A 214 17.85 15.45 16.32
C ARG A 214 18.95 14.56 15.77
N PRO A 215 19.72 15.02 14.76
CA PRO A 215 19.44 16.28 14.09
C PRO A 215 18.47 16.17 12.89
N SER A 216 18.10 14.93 12.52
CA SER A 216 17.30 14.64 11.32
C SER A 216 16.13 15.64 11.17
N GLY A 217 15.27 15.73 12.20
CA GLY A 217 14.05 16.56 12.26
C GLY A 217 14.34 18.04 12.25
N ASN A 218 15.59 18.42 12.49
CA ASN A 218 15.99 19.85 12.55
C ASN A 218 16.46 20.34 11.19
N LEU A 219 16.86 19.44 10.28
CA LEU A 219 17.35 19.84 8.94
C LEU A 219 16.38 20.79 8.25
N PRO A 220 15.05 20.53 8.14
CA PRO A 220 14.17 21.45 7.46
C PRO A 220 14.20 22.90 7.99
N LEU A 221 14.60 23.11 9.26
CA LEU A 221 14.70 24.47 9.87
C LEU A 221 15.86 25.25 9.24
N ALA A 222 16.90 24.57 8.78
CA ALA A 222 18.08 25.17 8.09
C ALA A 222 17.62 25.94 6.83
N THR A 223 16.55 25.48 6.15
CA THR A 223 15.95 26.15 4.99
C THR A 223 15.44 27.56 5.40
N LYS A 224 14.85 27.71 6.57
CA LYS A 224 14.38 29.01 7.11
C LYS A 224 15.51 30.07 7.13
N ARG A 225 16.77 29.67 7.27
CA ARG A 225 17.98 30.54 7.12
C ARG A 225 17.97 31.16 5.71
N ARG A 226 18.13 32.48 5.62
CA ARG A 226 18.21 33.24 4.34
C ARG A 226 16.83 33.24 3.69
N GLY A 227 15.78 33.02 4.48
CA GLY A 227 14.39 33.30 4.11
C GLY A 227 13.80 32.23 3.22
N GLY A 228 14.26 30.98 3.34
CA GLY A 228 13.57 29.86 2.67
C GLY A 228 12.23 29.61 3.28
N ARG A 229 11.38 28.90 2.54
CA ARG A 229 10.04 28.47 2.98
C ARG A 229 10.06 27.00 3.45
N LEU A 230 9.19 26.73 4.41
CA LEU A 230 9.00 25.41 5.03
C LEU A 230 7.53 25.02 4.96
N VAL A 231 7.31 23.84 4.37
CA VAL A 231 5.95 23.25 4.27
C VAL A 231 6.01 21.92 5.06
N ILE A 232 5.03 21.66 5.93
CA ILE A 232 4.94 20.39 6.69
C ILE A 232 3.63 19.64 6.31
N VAL A 233 3.75 18.47 5.75
CA VAL A 233 2.54 17.62 5.51
C VAL A 233 2.60 16.50 6.51
N ASN A 234 1.56 16.35 7.36
CA ASN A 234 1.54 15.36 8.48
C ASN A 234 0.13 15.29 9.05
N LEU A 235 -0.33 14.09 9.38
CA LEU A 235 -1.61 13.90 10.11
C LEU A 235 -1.53 14.41 11.56
N GLN A 236 -0.43 14.19 12.26
CA GLN A 236 -0.25 14.63 13.69
C GLN A 236 0.45 15.99 13.72
N PRO A 237 0.36 16.74 14.82
CA PRO A 237 1.29 17.83 15.07
C PRO A 237 2.71 17.31 14.92
N THR A 238 3.65 18.22 14.66
CA THR A 238 5.10 17.96 14.57
C THR A 238 5.82 18.96 15.45
N LYS A 239 7.07 18.61 15.78
CA LYS A 239 8.00 19.42 16.62
C LYS A 239 8.07 20.86 16.09
N HIS A 240 8.12 21.09 14.79
CA HIS A 240 8.36 22.44 14.25
C HIS A 240 7.16 23.13 13.62
N ASP A 241 5.93 22.68 13.90
CA ASP A 241 4.69 23.29 13.39
C ASP A 241 4.79 24.82 13.39
N ARG A 242 5.26 25.44 14.49
CA ARG A 242 5.22 26.92 14.59
C ARG A 242 6.10 27.59 13.54
N HIS A 243 7.12 26.89 13.03
CA HIS A 243 8.10 27.38 12.02
C HIS A 243 7.56 27.21 10.59
N ALA A 244 6.44 26.52 10.35
CA ALA A 244 5.94 26.23 8.98
C ALA A 244 5.28 27.44 8.35
N ASP A 245 5.59 27.67 7.09
CA ASP A 245 4.86 28.61 6.22
C ASP A 245 3.51 27.99 5.89
N LEU A 246 3.41 26.67 5.87
CA LEU A 246 2.16 26.00 5.44
C LEU A 246 2.14 24.61 6.11
N ARG A 247 1.02 24.23 6.73
CA ARG A 247 0.82 22.93 7.38
C ARG A 247 -0.35 22.31 6.65
N ILE A 248 -0.14 21.16 6.07
CA ILE A 248 -1.22 20.38 5.45
C ILE A 248 -1.43 19.11 6.26
N HIS A 249 -2.64 19.00 6.86
CA HIS A 249 -3.13 17.86 7.67
C HIS A 249 -3.98 16.93 6.79
N GLY A 250 -3.31 15.94 6.14
CA GLY A 250 -4.10 15.01 5.33
C GLY A 250 -3.23 13.86 4.96
N TYR A 251 -3.77 12.88 4.23
CA TYR A 251 -2.94 11.72 3.83
C TYR A 251 -1.90 12.09 2.78
N VAL A 252 -0.65 11.65 2.96
CA VAL A 252 0.42 12.17 2.07
C VAL A 252 0.16 11.75 0.62
N ASP A 253 -0.47 10.59 0.37
CA ASP A 253 -0.83 10.14 -1.03
C ASP A 253 -1.88 11.10 -1.62
N GLU A 254 -2.92 11.49 -0.87
CA GLU A 254 -3.94 12.47 -1.33
C GLU A 254 -3.26 13.77 -1.68
N VAL A 255 -2.41 14.26 -0.79
CA VAL A 255 -1.73 15.56 -0.99
C VAL A 255 -0.86 15.47 -2.25
N MET A 256 0.01 14.46 -2.39
CA MET A 256 0.95 14.26 -3.52
C MET A 256 0.23 13.95 -4.82
N THR A 257 -0.92 13.22 -4.85
CA THR A 257 -1.59 13.01 -6.13
C THR A 257 -2.14 14.30 -6.67
N ARG A 258 -2.75 15.09 -5.81
CA ARG A 258 -3.28 16.42 -6.14
C ARG A 258 -2.19 17.38 -6.60
N LEU A 259 -1.04 17.42 -5.93
CA LEU A 259 0.11 18.24 -6.26
C LEU A 259 0.56 17.88 -7.68
N MET A 260 0.73 16.58 -7.94
CA MET A 260 1.22 16.13 -9.26
C MET A 260 0.22 16.57 -10.34
N LYS A 261 -1.09 16.43 -10.09
CA LYS A 261 -2.11 16.90 -11.07
C LYS A 261 -1.95 18.39 -11.34
N HIS A 262 -1.86 19.28 -10.32
CA HIS A 262 -1.62 20.75 -10.46
C HIS A 262 -0.33 20.98 -11.29
N LEU A 263 0.75 20.23 -11.02
CA LEU A 263 2.06 20.34 -11.72
C LEU A 263 1.96 19.75 -13.14
N GLY A 264 0.86 19.05 -13.54
CA GLY A 264 0.78 18.40 -14.87
C GLY A 264 1.80 17.27 -15.07
N LEU A 265 2.11 16.52 -14.02
CA LEU A 265 2.98 15.33 -14.01
C LEU A 265 2.16 14.06 -13.70
N GLU A 266 2.56 13.01 -14.42
CA GLU A 266 2.11 11.61 -14.24
CA GLU A 266 2.09 11.64 -14.21
C GLU A 266 2.89 11.04 -13.05
N ILE A 267 2.27 10.18 -12.29
CA ILE A 267 3.02 9.38 -11.29
C ILE A 267 3.45 8.14 -12.05
N PRO A 268 4.74 7.88 -12.18
CA PRO A 268 5.17 6.72 -12.97
C PRO A 268 5.00 5.31 -12.35
N ALA A 269 4.81 4.34 -13.23
CA ALA A 269 4.77 2.89 -12.99
C ALA A 269 5.99 2.46 -12.16
N TRP A 270 5.82 1.56 -11.21
CA TRP A 270 6.97 0.95 -10.54
C TRP A 270 7.34 -0.32 -11.31
N ASP A 271 8.57 -0.42 -11.76
CA ASP A 271 9.14 -1.56 -12.53
C ASP A 271 9.33 -2.80 -11.61
N GLY A 272 9.16 -2.69 -10.29
CA GLY A 272 9.65 -3.70 -9.33
C GLY A 272 11.03 -3.24 -8.79
N PRO A 273 11.58 -3.93 -7.79
CA PRO A 273 12.75 -3.42 -7.07
C PRO A 273 13.92 -3.15 -8.00
N ARG A 274 14.42 -1.92 -8.03
CA ARG A 274 15.51 -1.52 -8.94
C ARG A 274 16.35 -0.50 -8.21
N VAL A 275 17.62 -0.61 -8.44
CA VAL A 275 18.63 0.27 -7.78
C VAL A 275 19.25 1.20 -8.83
N LEU A 276 19.17 2.49 -8.63
CA LEU A 276 19.83 3.50 -9.47
C LEU A 276 20.84 4.24 -8.62
N GLU A 277 22.11 4.02 -8.97
CA GLU A 277 23.26 4.74 -8.32
C GLU A 277 23.23 6.24 -8.61
N ARG A 278 23.04 6.65 -9.87
CA ARG A 278 23.28 8.05 -10.28
C ARG A 278 22.07 8.58 -11.04
N ALA A 279 21.58 9.74 -10.63
CA ALA A 279 20.51 10.55 -11.26
C ALA A 279 20.76 10.58 -12.77
N LEU A 280 19.74 10.22 -13.57
CA LEU A 280 19.78 10.37 -15.07
C LEU A 280 19.67 11.85 -15.46
N PRO A 281 19.95 12.19 -16.73
CA PRO A 281 19.66 13.52 -17.25
C PRO A 281 18.18 13.84 -17.05
N PRO A 282 17.89 15.09 -16.67
CA PRO A 282 16.53 15.60 -16.45
C PRO A 282 15.62 15.61 -17.66
N LEU A 283 14.39 15.18 -17.42
CA LEU A 283 13.40 15.09 -18.48
C LEU A 283 12.74 16.45 -18.64
N PRO A 284 12.01 16.62 -19.80
CA PRO A 284 11.18 17.79 -20.07
C PRO A 284 10.13 17.91 -18.95
N ARG A 285 9.81 19.15 -18.58
CA ARG A 285 8.68 19.39 -17.65
C ARG A 285 7.72 20.45 -18.20
N PRO A 286 6.47 20.50 -17.69
CA PRO A 286 5.51 21.50 -18.15
C PRO A 286 6.05 22.91 -17.94
N PRO A 287 5.60 23.82 -18.82
CA PRO A 287 5.79 25.24 -18.55
C PRO A 287 5.06 25.66 -17.28
N THR A 288 5.64 26.63 -16.63
CA THR A 288 5.14 27.24 -15.35
C THR A 288 3.94 28.17 -15.57
N PRO A 289 2.92 28.20 -14.69
CA PRO A 289 1.85 29.22 -14.76
C PRO A 289 2.39 30.59 -14.45
N LYS A 290 1.67 31.59 -14.95
CA LYS A 290 1.82 33.01 -14.56
C LYS A 290 1.15 33.15 -13.20
N LEU A 291 1.97 33.43 -12.20
CA LEU A 291 1.51 33.62 -10.81
C LEU A 291 1.64 35.10 -10.45
N LYS B 9 -20.33 -10.69 15.48
CA LYS B 9 -19.11 -10.26 14.69
C LYS B 9 -18.06 -11.39 14.61
N GLY B 10 -18.37 -12.58 15.12
CA GLY B 10 -17.60 -13.82 14.87
C GLY B 10 -16.29 -13.77 15.63
N LYS B 11 -15.36 -14.67 15.30
CA LYS B 11 -14.06 -14.84 16.01
C LYS B 11 -13.07 -13.79 15.52
N CYS B 12 -12.63 -12.92 16.42
CA CYS B 12 -11.79 -11.73 16.12
C CYS B 12 -10.42 -11.89 16.79
N GLY B 13 -9.39 -11.41 16.11
CA GLY B 13 -8.03 -11.25 16.65
C GLY B 13 -7.38 -12.59 16.99
N LEU B 14 -7.73 -13.69 16.29
CA LEU B 14 -7.01 -14.97 16.40
C LEU B 14 -5.53 -14.73 16.07
N PRO B 15 -4.60 -15.54 16.67
CA PRO B 15 -3.18 -15.43 16.36
C PRO B 15 -2.89 -15.62 14.86
N GLU B 16 -1.87 -14.94 14.33
CA GLU B 16 -1.48 -15.12 12.92
C GLU B 16 -0.54 -16.32 12.80
N ILE B 17 -0.56 -16.98 11.67
CA ILE B 17 0.33 -18.13 11.38
C ILE B 17 1.24 -17.71 10.23
N PHE B 18 2.54 -17.95 10.32
CA PHE B 18 3.50 -17.71 9.22
C PHE B 18 4.15 -19.06 8.85
N ASP B 19 3.79 -19.60 7.68
CA ASP B 19 4.55 -20.70 7.06
C ASP B 19 6.01 -20.28 6.99
N PRO B 20 6.94 -21.14 7.45
CA PRO B 20 8.37 -20.86 7.25
C PRO B 20 8.74 -20.87 5.77
N PRO B 21 9.88 -20.24 5.40
CA PRO B 21 10.14 -19.88 4.00
C PRO B 21 10.19 -21.04 3.00
N GLU B 22 10.79 -22.19 3.38
CA GLU B 22 10.89 -23.34 2.45
C GLU B 22 9.48 -23.91 2.24
N GLU B 23 8.66 -23.85 3.29
CA GLU B 23 7.28 -24.43 3.23
C GLU B 23 6.42 -23.50 2.37
N LEU B 24 6.53 -22.20 2.60
CA LEU B 24 5.80 -21.22 1.77
C LEU B 24 6.15 -21.46 0.30
N GLU B 25 7.44 -21.49 -0.04
CA GLU B 25 7.91 -21.74 -1.45
C GLU B 25 7.24 -23.00 -2.04
N ARG B 26 7.24 -24.11 -1.32
CA ARG B 26 6.73 -25.39 -1.85
C ARG B 26 5.21 -25.29 -2.05
N LYS B 27 4.53 -24.60 -1.14
CA LYS B 27 3.04 -24.46 -1.23
C LYS B 27 2.65 -23.57 -2.40
N VAL B 28 3.42 -22.52 -2.65
CA VAL B 28 3.09 -21.63 -3.81
C VAL B 28 3.39 -22.37 -5.13
N TRP B 29 4.38 -23.25 -5.16
CA TRP B 29 4.65 -24.14 -6.32
C TRP B 29 3.45 -25.08 -6.49
N GLU B 30 2.86 -25.58 -5.41
CA GLU B 30 1.69 -26.50 -5.47
C GLU B 30 0.45 -25.72 -5.95
N LEU B 31 0.36 -24.46 -5.55
CA LEU B 31 -0.73 -23.58 -6.02
C LEU B 31 -0.60 -23.42 -7.55
N ALA B 32 0.60 -23.09 -8.06
CA ALA B 32 0.88 -22.93 -9.50
C ALA B 32 0.38 -24.18 -10.24
N ARG B 33 0.75 -25.37 -9.74
N ARG B 33 0.76 -25.36 -9.73
CA ARG B 33 0.38 -26.67 -10.37
CA ARG B 33 0.40 -26.69 -10.31
C ARG B 33 -1.16 -26.78 -10.40
C ARG B 33 -1.13 -26.78 -10.39
N LEU B 34 -1.84 -26.48 -9.31
CA LEU B 34 -3.33 -26.56 -9.31
C LEU B 34 -3.93 -25.61 -10.36
N VAL B 35 -3.38 -24.40 -10.51
CA VAL B 35 -3.91 -23.39 -11.46
C VAL B 35 -3.72 -23.94 -12.88
N TRP B 36 -2.53 -24.45 -13.19
CA TRP B 36 -2.16 -25.09 -14.50
C TRP B 36 -3.14 -26.25 -14.84
N GLN B 37 -3.44 -27.14 -13.88
CA GLN B 37 -4.25 -28.36 -14.08
C GLN B 37 -5.75 -28.06 -14.09
N SER B 38 -6.21 -26.91 -13.59
CA SER B 38 -7.66 -26.59 -13.42
C SER B 38 -8.24 -25.92 -14.66
N SER B 39 -9.46 -26.31 -15.05
CA SER B 39 -10.20 -25.76 -16.22
C SER B 39 -10.97 -24.47 -15.85
N SER B 40 -11.45 -24.34 -14.62
CA SER B 40 -12.30 -23.21 -14.20
C SER B 40 -11.90 -22.77 -12.80
N VAL B 41 -11.22 -21.61 -12.69
CA VAL B 41 -10.67 -21.11 -11.39
C VAL B 41 -11.49 -19.90 -10.92
N VAL B 42 -11.90 -19.98 -9.67
CA VAL B 42 -12.71 -18.90 -9.02
C VAL B 42 -11.94 -18.39 -7.80
N PHE B 43 -11.76 -17.08 -7.77
CA PHE B 43 -11.08 -16.38 -6.66
C PHE B 43 -12.15 -15.75 -5.80
N HIS B 44 -11.95 -15.94 -4.50
CA HIS B 44 -12.78 -15.36 -3.43
C HIS B 44 -11.89 -14.41 -2.63
N THR B 45 -12.29 -13.15 -2.52
CA THR B 45 -11.44 -12.19 -1.77
C THR B 45 -12.23 -11.57 -0.62
N GLY B 46 -11.47 -11.23 0.41
CA GLY B 46 -11.95 -10.39 1.51
C GLY B 46 -10.89 -9.38 1.94
N ALA B 47 -11.14 -8.79 3.09
CA ALA B 47 -10.52 -7.53 3.58
C ALA B 47 -8.99 -7.69 3.67
N GLY B 48 -8.48 -8.93 3.79
CA GLY B 48 -7.03 -9.23 3.85
C GLY B 48 -6.30 -8.75 2.60
N ILE B 49 -6.97 -8.62 1.45
CA ILE B 49 -6.23 -8.26 0.19
C ILE B 49 -6.04 -6.72 0.06
N SER B 50 -6.59 -5.86 0.94
CA SER B 50 -6.59 -4.36 1.01
C SER B 50 -5.80 -3.84 2.20
N THR B 51 -5.37 -4.70 3.14
CA THR B 51 -4.62 -4.25 4.32
C THR B 51 -3.27 -3.66 3.89
N ALA B 52 -2.63 -4.18 2.83
CA ALA B 52 -1.35 -3.60 2.26
C ALA B 52 -1.56 -2.27 1.49
N SER B 53 -2.78 -1.76 1.34
CA SER B 53 -3.10 -0.39 0.80
C SER B 53 -3.51 0.59 1.91
N GLY B 54 -3.42 0.15 3.18
CA GLY B 54 -3.74 0.94 4.38
C GLY B 54 -5.20 0.87 4.83
N ILE B 55 -6.01 -0.04 4.29
CA ILE B 55 -7.43 -0.30 4.71
C ILE B 55 -7.44 -1.45 5.69
N PRO B 56 -8.01 -1.24 6.89
CA PRO B 56 -7.96 -2.25 7.93
C PRO B 56 -8.90 -3.39 7.51
N ASP B 57 -8.64 -4.58 7.97
CA ASP B 57 -9.64 -5.69 7.84
C ASP B 57 -10.61 -5.58 9.04
N PHE B 58 -11.41 -6.64 9.25
CA PHE B 58 -12.51 -6.67 10.24
C PHE B 58 -12.03 -7.45 11.47
N ARG B 59 -11.39 -8.60 11.27
CA ARG B 59 -11.18 -9.61 12.35
C ARG B 59 -9.69 -9.92 12.58
N GLY B 60 -8.79 -9.33 11.81
CA GLY B 60 -7.34 -9.40 12.01
C GLY B 60 -6.90 -8.81 13.37
N PRO B 61 -5.61 -8.88 13.75
CA PRO B 61 -5.18 -8.31 15.03
C PRO B 61 -5.65 -6.87 15.28
N HIS B 62 -5.57 -5.94 14.30
CA HIS B 62 -6.04 -4.53 14.39
C HIS B 62 -7.32 -4.37 13.56
N GLY B 63 -8.07 -5.42 13.31
CA GLY B 63 -9.28 -5.29 12.47
C GLY B 63 -10.33 -4.39 13.08
N VAL B 64 -11.25 -3.83 12.30
CA VAL B 64 -12.38 -3.00 12.78
C VAL B 64 -13.06 -3.66 13.99
N TRP B 65 -13.49 -4.92 13.89
CA TRP B 65 -14.30 -5.53 14.99
C TRP B 65 -13.38 -5.90 16.15
N THR B 66 -12.20 -6.45 15.85
CA THR B 66 -11.16 -6.79 16.85
C THR B 66 -10.84 -5.57 17.72
N MET B 67 -10.66 -4.40 17.11
CA MET B 67 -10.33 -3.16 17.85
C MET B 67 -11.57 -2.69 18.62
N GLU B 68 -12.74 -2.67 18.00
CA GLU B 68 -14.00 -2.29 18.69
C GLU B 68 -14.19 -3.12 19.98
N GLU B 69 -13.98 -4.46 19.89
CA GLU B 69 -14.02 -5.46 20.99
C GLU B 69 -13.07 -5.10 22.14
N ARG B 70 -11.88 -4.55 21.84
CA ARG B 70 -10.86 -4.15 22.84
C ARG B 70 -11.01 -2.66 23.18
N GLY B 71 -12.11 -2.01 22.77
CA GLY B 71 -12.32 -0.56 22.97
C GLY B 71 -11.27 0.34 22.34
N LEU B 72 -10.61 -0.10 21.25
CA LEU B 72 -9.66 0.74 20.47
C LEU B 72 -10.29 1.07 19.12
N ALA B 73 -9.66 1.93 18.30
CA ALA B 73 -10.21 2.29 16.98
C ALA B 73 -9.36 1.61 15.90
N PRO B 74 -9.97 1.21 14.77
CA PRO B 74 -9.19 0.74 13.64
C PRO B 74 -8.56 1.98 13.02
N LYS B 75 -7.46 1.75 12.29
CA LYS B 75 -6.72 2.86 11.67
C LYS B 75 -6.77 2.66 10.14
N PHE B 76 -7.06 3.74 9.48
CA PHE B 76 -6.90 3.89 8.01
C PHE B 76 -5.57 4.60 7.80
N ASP B 77 -4.81 4.19 6.78
CA ASP B 77 -3.57 4.88 6.35
C ASP B 77 -3.85 5.57 4.99
N THR B 78 -5.09 5.48 4.50
CA THR B 78 -5.62 6.09 3.23
C THR B 78 -7.10 6.49 3.38
N THR B 79 -7.59 7.34 2.48
CA THR B 79 -9.05 7.36 2.22
C THR B 79 -9.38 6.23 1.25
N PHE B 80 -10.65 5.89 1.16
CA PHE B 80 -11.06 4.99 0.06
C PHE B 80 -10.76 5.58 -1.31
N GLU B 81 -10.92 6.90 -1.50
CA GLU B 81 -10.59 7.57 -2.80
C GLU B 81 -9.08 7.53 -3.14
N SER B 82 -8.17 7.68 -2.20
CA SER B 82 -6.72 7.71 -2.46
C SER B 82 -6.08 6.31 -2.36
N ALA B 83 -6.80 5.26 -1.97
CA ALA B 83 -6.28 3.88 -1.88
C ALA B 83 -5.87 3.44 -3.29
N ARG B 84 -4.74 2.75 -3.40
CA ARG B 84 -4.35 2.11 -4.69
C ARG B 84 -4.59 0.60 -4.62
N PRO B 85 -5.00 -0.08 -5.73
CA PRO B 85 -4.97 -1.54 -5.81
C PRO B 85 -3.59 -2.04 -5.43
N THR B 86 -3.57 -3.11 -4.64
CA THR B 86 -2.41 -3.91 -4.20
C THR B 86 -1.87 -4.68 -5.37
N GLN B 87 -0.70 -5.25 -5.19
CA GLN B 87 -0.06 -6.22 -6.11
C GLN B 87 -1.08 -7.35 -6.36
N THR B 88 -1.77 -7.79 -5.32
CA THR B 88 -2.83 -8.86 -5.37
C THR B 88 -3.95 -8.41 -6.31
N HIS B 89 -4.50 -7.22 -6.17
CA HIS B 89 -5.57 -6.67 -7.03
C HIS B 89 -5.13 -6.70 -8.47
N MET B 90 -3.91 -6.23 -8.76
CA MET B 90 -3.44 -6.19 -10.15
C MET B 90 -3.11 -7.59 -10.67
N ALA B 91 -2.65 -8.55 -9.85
CA ALA B 91 -2.37 -9.92 -10.28
C ALA B 91 -3.73 -10.43 -10.79
N LEU B 92 -4.79 -10.15 -10.06
CA LEU B 92 -6.17 -10.74 -10.37
C LEU B 92 -6.60 -10.16 -11.72
N VAL B 93 -6.31 -8.88 -12.03
CA VAL B 93 -6.63 -8.19 -13.33
C VAL B 93 -5.96 -9.01 -14.44
N GLN B 94 -4.66 -9.31 -14.28
CA GLN B 94 -3.87 -10.04 -15.26
C GLN B 94 -4.31 -11.50 -15.43
N LEU B 95 -4.66 -12.24 -14.36
CA LEU B 95 -5.14 -13.67 -14.40
C LEU B 95 -6.46 -13.69 -15.15
N GLU B 96 -7.29 -12.66 -15.00
CA GLU B 96 -8.56 -12.64 -15.80
C GLU B 96 -8.20 -12.36 -17.27
N ARG B 97 -7.31 -11.41 -17.54
CA ARG B 97 -6.99 -10.99 -18.92
C ARG B 97 -6.47 -12.17 -19.76
N VAL B 98 -5.71 -13.13 -19.18
CA VAL B 98 -5.04 -14.27 -19.89
C VAL B 98 -5.91 -15.54 -19.76
N GLY B 99 -7.08 -15.43 -19.16
CA GLY B 99 -8.10 -16.48 -19.09
C GLY B 99 -7.83 -17.54 -18.04
N LEU B 100 -6.98 -17.27 -17.03
CA LEU B 100 -6.68 -18.21 -15.92
C LEU B 100 -7.67 -18.05 -14.76
N LEU B 101 -8.34 -16.91 -14.63
CA LEU B 101 -9.45 -16.64 -13.66
C LEU B 101 -10.79 -16.62 -14.41
N ARG B 102 -11.71 -17.53 -14.06
CA ARG B 102 -13.09 -17.55 -14.64
C ARG B 102 -13.95 -16.43 -14.04
N PHE B 103 -13.93 -16.30 -12.71
CA PHE B 103 -14.86 -15.38 -11.98
C PHE B 103 -14.21 -15.01 -10.65
N LEU B 104 -14.65 -13.88 -10.13
CA LEU B 104 -14.10 -13.23 -8.93
C LEU B 104 -15.27 -12.88 -7.99
N VAL B 105 -15.26 -13.49 -6.81
CA VAL B 105 -16.27 -13.24 -5.75
C VAL B 105 -15.63 -12.44 -4.61
N SER B 106 -16.14 -11.24 -4.32
CA SER B 106 -15.59 -10.40 -3.25
C SER B 106 -16.61 -9.96 -2.20
N GLN B 107 -16.15 -9.95 -0.95
CA GLN B 107 -16.89 -9.47 0.22
C GLN B 107 -16.61 -7.99 0.42
N ASN B 108 -15.61 -7.45 -0.30
CA ASN B 108 -15.02 -6.15 0.03
C ASN B 108 -15.93 -5.05 -0.51
N VAL B 109 -16.13 -4.02 0.29
CA VAL B 109 -16.87 -2.81 -0.16
C VAL B 109 -15.92 -1.65 -0.59
N ASP B 110 -14.63 -1.88 -0.49
CA ASP B 110 -13.58 -0.83 -0.72
C ASP B 110 -13.56 -0.35 -2.21
N GLY B 111 -14.31 -0.93 -3.17
CA GLY B 111 -14.36 -0.44 -4.57
C GLY B 111 -13.08 -0.67 -5.38
N LEU B 112 -12.07 -1.34 -4.82
CA LEU B 112 -10.72 -1.49 -5.42
C LEU B 112 -10.70 -2.48 -6.59
N HIS B 113 -11.45 -3.59 -6.59
CA HIS B 113 -11.49 -4.46 -7.78
C HIS B 113 -12.00 -3.66 -9.00
N VAL B 114 -13.13 -2.98 -8.83
CA VAL B 114 -13.69 -2.11 -9.92
C VAL B 114 -12.62 -1.10 -10.38
N ARG B 115 -12.04 -0.36 -9.44
CA ARG B 115 -11.13 0.76 -9.76
C ARG B 115 -9.82 0.24 -10.38
N SER B 116 -9.48 -1.05 -10.15
CA SER B 116 -8.31 -1.74 -10.74
C SER B 116 -8.52 -1.94 -12.26
N GLY B 117 -9.76 -1.78 -12.75
CA GLY B 117 -10.15 -2.07 -14.13
C GLY B 117 -10.55 -3.54 -14.34
N PHE B 118 -10.77 -4.28 -13.24
CA PHE B 118 -11.27 -5.66 -13.29
C PHE B 118 -12.68 -5.61 -13.91
N PRO B 119 -13.05 -6.51 -14.85
CA PRO B 119 -14.34 -6.43 -15.56
C PRO B 119 -15.53 -6.84 -14.70
N ARG B 120 -16.53 -5.95 -14.63
CA ARG B 120 -17.71 -6.01 -13.71
C ARG B 120 -18.49 -7.26 -14.07
N ASP B 121 -18.46 -7.68 -15.33
CA ASP B 121 -19.23 -8.91 -15.69
C ASP B 121 -18.53 -10.20 -15.23
N LYS B 122 -17.29 -10.18 -14.68
CA LYS B 122 -16.69 -11.34 -13.99
C LYS B 122 -16.50 -11.18 -12.46
N LEU B 123 -17.25 -10.25 -11.86
CA LEU B 123 -17.13 -9.81 -10.46
C LEU B 123 -18.49 -9.89 -9.76
N ALA B 124 -18.56 -10.59 -8.63
CA ALA B 124 -19.69 -10.46 -7.67
C ALA B 124 -19.21 -9.63 -6.51
N GLU B 125 -19.90 -8.55 -6.25
CA GLU B 125 -19.61 -7.68 -5.10
C GLU B 125 -20.71 -7.97 -4.07
N LEU B 126 -20.49 -9.01 -3.28
CA LEU B 126 -21.55 -9.62 -2.42
C LEU B 126 -22.04 -8.65 -1.34
N HIS B 127 -21.22 -7.74 -0.76
CA HIS B 127 -21.59 -6.84 0.37
C HIS B 127 -21.75 -5.38 -0.07
N GLY B 128 -21.58 -5.13 -1.37
CA GLY B 128 -21.65 -3.79 -1.99
C GLY B 128 -20.28 -3.17 -2.27
N ASN B 129 -20.36 -1.95 -2.80
CA ASN B 129 -19.25 -1.11 -3.28
C ASN B 129 -19.57 0.32 -2.81
N MET B 130 -18.63 0.92 -2.06
N MET B 130 -18.66 0.97 -2.09
CA MET B 130 -18.75 2.27 -1.43
CA MET B 130 -18.98 2.28 -1.46
C MET B 130 -18.98 3.34 -2.51
C MET B 130 -18.98 3.39 -2.51
N PHE B 131 -18.51 3.10 -3.74
CA PHE B 131 -18.53 4.04 -4.88
C PHE B 131 -19.76 3.85 -5.78
N VAL B 132 -20.64 2.90 -5.48
CA VAL B 132 -21.74 2.49 -6.42
C VAL B 132 -23.07 2.81 -5.81
N GLU B 133 -23.86 3.61 -6.50
CA GLU B 133 -25.29 3.84 -6.10
C GLU B 133 -26.17 3.28 -7.20
N GLU B 134 -27.37 2.88 -6.81
CA GLU B 134 -28.31 2.17 -7.70
C GLU B 134 -29.67 2.88 -7.64
N CYS B 135 -30.29 3.12 -8.78
CA CYS B 135 -31.66 3.68 -8.89
C CYS B 135 -32.64 2.64 -8.32
N ALA B 136 -33.32 3.00 -7.23
CA ALA B 136 -34.44 2.23 -6.63
C ALA B 136 -35.52 1.94 -7.68
N LYS B 137 -35.63 2.77 -8.73
CA LYS B 137 -36.65 2.62 -9.83
C LYS B 137 -36.16 1.65 -10.92
N CYS B 138 -35.13 2.01 -11.69
CA CYS B 138 -34.74 1.25 -12.91
C CYS B 138 -33.62 0.25 -12.62
N LYS B 139 -33.03 0.27 -11.41
CA LYS B 139 -31.89 -0.61 -10.98
C LYS B 139 -30.58 -0.25 -11.69
N THR B 140 -30.56 0.83 -12.48
CA THR B 140 -29.33 1.31 -13.16
C THR B 140 -28.30 1.72 -12.11
N GLN B 141 -27.10 1.15 -12.22
CA GLN B 141 -25.97 1.39 -11.29
C GLN B 141 -25.10 2.50 -11.83
N TYR B 142 -24.55 3.28 -10.91
CA TYR B 142 -23.63 4.40 -11.21
C TYR B 142 -22.38 4.15 -10.40
N VAL B 143 -21.23 4.19 -11.09
CA VAL B 143 -19.92 3.97 -10.42
C VAL B 143 -19.26 5.33 -10.32
N ARG B 144 -19.26 5.86 -9.10
CA ARG B 144 -18.83 7.23 -8.82
C ARG B 144 -17.32 7.23 -8.56
N ASP B 145 -16.74 8.41 -8.72
CA ASP B 145 -15.31 8.73 -8.46
C ASP B 145 -15.11 8.96 -6.96
N THR B 146 -16.16 9.19 -6.15
CA THR B 146 -16.01 9.37 -4.68
C THR B 146 -17.01 8.44 -4.01
N VAL B 147 -16.80 8.09 -2.74
CA VAL B 147 -17.75 7.22 -2.00
C VAL B 147 -19.12 7.91 -2.02
N VAL B 148 -20.23 7.18 -2.14
CA VAL B 148 -21.56 7.77 -2.38
C VAL B 148 -22.09 8.53 -1.14
N GLY B 149 -21.66 8.17 0.08
CA GLY B 149 -21.81 9.04 1.29
C GLY B 149 -22.76 8.47 2.34
N THR B 150 -23.50 7.40 2.04
CA THR B 150 -24.41 6.69 2.98
C THR B 150 -24.04 5.20 3.06
N MET B 151 -24.51 4.48 4.07
CA MET B 151 -24.47 2.99 4.14
C MET B 151 -25.81 2.44 4.63
N GLY B 152 -26.14 1.21 4.27
CA GLY B 152 -27.38 0.52 4.66
C GLY B 152 -28.50 0.69 3.66
N LEU B 153 -28.20 0.99 2.39
CA LEU B 153 -29.16 1.05 1.25
C LEU B 153 -30.08 2.26 1.43
N LYS B 154 -29.52 3.38 1.90
CA LYS B 154 -30.24 4.67 2.11
C LYS B 154 -30.17 5.56 0.86
N ALA B 155 -31.10 6.51 0.75
CA ALA B 155 -31.12 7.55 -0.30
C ALA B 155 -29.87 8.42 -0.12
N THR B 156 -29.07 8.55 -1.19
CA THR B 156 -27.82 9.35 -1.22
C THR B 156 -28.15 10.82 -1.42
N GLY B 157 -29.37 11.10 -1.91
CA GLY B 157 -29.86 12.45 -2.20
C GLY B 157 -29.82 12.76 -3.68
N ARG B 158 -29.20 11.90 -4.50
CA ARG B 158 -29.09 12.10 -5.96
C ARG B 158 -30.23 11.33 -6.62
N LEU B 159 -30.60 11.75 -7.83
CA LEU B 159 -31.68 11.13 -8.64
C LEU B 159 -31.11 10.52 -9.93
N CYS B 160 -31.83 9.55 -10.47
CA CYS B 160 -31.45 8.81 -11.69
C CYS B 160 -31.53 9.74 -12.92
N THR B 161 -30.58 9.61 -13.86
CA THR B 161 -30.42 10.49 -15.04
C THR B 161 -30.60 9.69 -16.34
N VAL B 162 -31.07 8.44 -16.24
CA VAL B 162 -31.41 7.59 -17.42
C VAL B 162 -32.73 8.10 -18.04
N ALA B 163 -32.74 8.43 -19.35
CA ALA B 163 -33.92 8.84 -20.15
C ALA B 163 -35.19 8.10 -19.68
N CYS B 171 -35.83 9.23 -15.83
CA CYS B 171 -36.33 8.29 -14.78
C CYS B 171 -36.49 9.01 -13.41
N ARG B 172 -35.53 9.85 -13.01
CA ARG B 172 -35.58 10.66 -11.75
C ARG B 172 -35.85 9.78 -10.52
N GLY B 173 -35.65 8.47 -10.63
CA GLY B 173 -35.71 7.56 -9.46
C GLY B 173 -34.68 7.93 -8.39
N GLU B 174 -34.90 7.47 -7.15
CA GLU B 174 -34.08 7.76 -5.96
C GLU B 174 -32.84 6.84 -5.96
N LEU B 175 -31.63 7.41 -5.97
CA LEU B 175 -30.36 6.64 -5.93
C LEU B 175 -30.09 6.28 -4.48
N ARG B 176 -29.70 5.03 -4.24
CA ARG B 176 -29.40 4.51 -2.89
C ARG B 176 -28.00 3.90 -2.91
N ASP B 177 -27.33 3.88 -1.75
CA ASP B 177 -26.03 3.14 -1.65
C ASP B 177 -26.31 1.64 -1.84
N THR B 178 -25.25 0.87 -2.12
CA THR B 178 -25.31 -0.62 -2.22
C THR B 178 -24.70 -1.30 -0.98
N ILE B 179 -24.47 -0.58 0.12
CA ILE B 179 -23.78 -1.21 1.28
C ILE B 179 -24.83 -1.89 2.16
N LEU B 180 -24.76 -3.22 2.22
CA LEU B 180 -25.69 -4.03 3.07
C LEU B 180 -25.46 -3.71 4.55
N ASP B 181 -26.53 -3.53 5.32
CA ASP B 181 -26.47 -3.59 6.80
C ASP B 181 -26.64 -5.06 7.21
N TRP B 182 -26.44 -5.36 8.49
CA TRP B 182 -26.42 -6.74 9.05
C TRP B 182 -27.63 -7.56 8.61
N GLU B 183 -28.81 -6.95 8.53
CA GLU B 183 -30.09 -7.69 8.33
C GLU B 183 -30.39 -7.82 6.84
N ASP B 184 -29.59 -7.19 5.95
CA ASP B 184 -29.91 -7.08 4.50
C ASP B 184 -29.42 -8.33 3.77
N SER B 185 -30.30 -9.03 3.07
CA SER B 185 -29.93 -10.20 2.24
C SER B 185 -29.07 -9.71 1.06
N LEU B 186 -28.34 -10.63 0.43
CA LEU B 186 -27.33 -10.32 -0.60
C LEU B 186 -28.01 -9.94 -1.91
N PRO B 187 -27.42 -9.05 -2.73
CA PRO B 187 -27.90 -8.81 -4.09
C PRO B 187 -28.05 -10.14 -4.84
N ASP B 188 -29.27 -10.45 -5.30
CA ASP B 188 -29.64 -11.77 -5.89
C ASP B 188 -28.79 -12.10 -7.11
N ARG B 189 -28.61 -11.14 -8.02
CA ARG B 189 -27.82 -11.31 -9.26
C ARG B 189 -26.38 -11.71 -8.90
N ASP B 190 -25.73 -10.92 -8.03
CA ASP B 190 -24.31 -11.17 -7.65
C ASP B 190 -24.21 -12.53 -6.96
N LEU B 191 -25.10 -12.84 -6.01
CA LEU B 191 -25.04 -14.11 -5.25
C LEU B 191 -25.24 -15.30 -6.22
N ALA B 192 -26.21 -15.21 -7.12
CA ALA B 192 -26.53 -16.31 -8.06
C ALA B 192 -25.33 -16.54 -8.97
N LEU B 193 -24.73 -15.48 -9.52
CA LEU B 193 -23.54 -15.65 -10.42
C LEU B 193 -22.35 -16.22 -9.63
N ALA B 194 -22.17 -15.81 -8.37
CA ALA B 194 -21.07 -16.28 -7.50
C ALA B 194 -21.27 -17.77 -7.16
N ASP B 195 -22.50 -18.14 -6.79
CA ASP B 195 -22.89 -19.54 -6.50
C ASP B 195 -22.64 -20.42 -7.74
N GLU B 196 -23.13 -19.97 -8.89
CA GLU B 196 -23.01 -20.75 -10.17
C GLU B 196 -21.53 -20.91 -10.53
N ALA B 197 -20.74 -19.83 -10.40
CA ALA B 197 -19.28 -19.89 -10.64
C ALA B 197 -18.61 -20.85 -9.63
N SER B 198 -19.00 -20.83 -8.37
CA SER B 198 -18.34 -21.68 -7.33
C SER B 198 -18.67 -23.17 -7.59
N ARG B 199 -19.92 -23.45 -7.96
CA ARG B 199 -20.40 -24.86 -8.17
C ARG B 199 -19.68 -25.47 -9.36
N ASN B 200 -19.48 -24.68 -10.41
CA ASN B 200 -18.89 -25.08 -11.71
C ASN B 200 -17.36 -25.13 -11.64
N ALA B 201 -16.74 -24.45 -10.69
CA ALA B 201 -15.26 -24.34 -10.64
C ALA B 201 -14.66 -25.70 -10.30
N ASP B 202 -13.46 -26.03 -10.78
CA ASP B 202 -12.69 -27.19 -10.26
C ASP B 202 -11.59 -26.69 -9.31
N LEU B 203 -11.37 -25.37 -9.20
CA LEU B 203 -10.44 -24.79 -8.21
C LEU B 203 -10.99 -23.47 -7.64
N SER B 204 -11.20 -23.40 -6.34
CA SER B 204 -11.58 -22.17 -5.60
C SER B 204 -10.39 -21.79 -4.71
N ILE B 205 -9.93 -20.56 -4.85
CA ILE B 205 -8.79 -19.97 -4.10
C ILE B 205 -9.38 -18.79 -3.30
N THR B 206 -9.25 -18.82 -1.96
CA THR B 206 -9.65 -17.74 -1.07
C THR B 206 -8.36 -16.94 -0.78
N LEU B 207 -8.50 -15.63 -0.76
CA LEU B 207 -7.41 -14.64 -0.46
C LEU B 207 -7.90 -13.70 0.64
N GLY B 208 -7.25 -13.68 1.81
CA GLY B 208 -7.56 -12.65 2.84
C GLY B 208 -9.02 -12.60 3.28
N THR B 209 -9.71 -13.75 3.44
CA THR B 209 -11.03 -13.85 4.11
C THR B 209 -10.96 -14.96 5.16
N SER B 210 -11.52 -14.70 6.31
CA SER B 210 -11.66 -15.69 7.41
C SER B 210 -12.88 -16.61 7.18
N LEU B 211 -13.73 -16.32 6.20
CA LEU B 211 -14.81 -17.25 5.68
C LEU B 211 -15.89 -17.46 6.74
N GLN B 212 -16.16 -16.43 7.55
CA GLN B 212 -17.01 -16.51 8.75
C GLN B 212 -18.41 -16.01 8.41
N ILE B 213 -18.62 -15.29 7.31
CA ILE B 213 -19.98 -14.80 6.97
C ILE B 213 -20.68 -15.83 6.07
N ARG B 214 -21.96 -16.11 6.35
CA ARG B 214 -22.90 -16.87 5.48
C ARG B 214 -23.70 -15.88 4.64
N PRO B 215 -23.96 -16.18 3.35
CA PRO B 215 -23.44 -17.38 2.72
C PRO B 215 -22.06 -17.21 2.06
N SER B 216 -21.56 -15.97 2.01
CA SER B 216 -20.33 -15.54 1.30
C SER B 216 -19.17 -16.52 1.54
N GLY B 217 -18.84 -16.81 2.80
CA GLY B 217 -17.75 -17.68 3.25
C GLY B 217 -17.97 -19.14 2.92
N ASN B 218 -19.21 -19.49 2.54
CA ASN B 218 -19.58 -20.90 2.23
C ASN B 218 -19.49 -21.14 0.72
N LEU B 219 -19.45 -20.11 -0.15
CA LEU B 219 -19.38 -20.35 -1.62
C LEU B 219 -18.18 -21.23 -1.98
N PRO B 220 -16.96 -21.04 -1.40
CA PRO B 220 -15.82 -21.86 -1.79
C PRO B 220 -16.02 -23.36 -1.50
N LEU B 221 -16.87 -23.69 -0.51
CA LEU B 221 -17.21 -25.11 -0.20
C LEU B 221 -18.01 -25.74 -1.37
N ALA B 222 -18.82 -24.96 -2.11
CA ALA B 222 -19.60 -25.47 -3.27
C ALA B 222 -18.66 -26.11 -4.31
N THR B 223 -17.40 -25.65 -4.37
CA THR B 223 -16.35 -26.15 -5.31
C THR B 223 -16.03 -27.60 -4.89
N LYS B 224 -15.97 -27.89 -3.60
CA LYS B 224 -15.68 -29.27 -3.12
C LYS B 224 -16.67 -30.29 -3.71
N ARG B 225 -17.92 -29.89 -4.03
CA ARG B 225 -18.94 -30.69 -4.77
C ARG B 225 -18.37 -31.09 -6.14
N ARG B 226 -18.45 -32.37 -6.50
CA ARG B 226 -17.96 -32.95 -7.77
C ARG B 226 -16.43 -32.87 -7.78
N GLY B 227 -15.83 -32.83 -6.59
CA GLY B 227 -14.40 -33.12 -6.39
C GLY B 227 -13.53 -31.96 -6.83
N GLY B 228 -14.02 -30.72 -6.75
CA GLY B 228 -13.17 -29.54 -6.97
C GLY B 228 -12.19 -29.36 -5.83
N ARG B 229 -11.07 -28.67 -6.10
CA ARG B 229 -10.05 -28.38 -5.06
C ARG B 229 -10.32 -27.02 -4.44
N LEU B 230 -9.86 -26.86 -3.20
CA LEU B 230 -10.00 -25.62 -2.43
C LEU B 230 -8.63 -25.21 -1.86
N VAL B 231 -8.22 -23.97 -2.12
CA VAL B 231 -6.94 -23.43 -1.57
C VAL B 231 -7.37 -22.24 -0.70
N ILE B 232 -6.82 -22.15 0.50
CA ILE B 232 -7.11 -21.00 1.39
C ILE B 232 -5.81 -20.24 1.70
N VAL B 233 -5.74 -18.95 1.34
CA VAL B 233 -4.50 -18.13 1.61
C VAL B 233 -4.93 -17.11 2.63
N ASN B 234 -4.33 -17.11 3.83
CA ASN B 234 -4.80 -16.28 4.98
C ASN B 234 -3.76 -16.33 6.11
N LEU B 235 -3.52 -15.21 6.76
CA LEU B 235 -2.61 -15.15 7.94
C LEU B 235 -3.25 -15.87 9.14
N GLN B 236 -4.55 -15.73 9.34
CA GLN B 236 -5.29 -16.33 10.49
C GLN B 236 -5.90 -17.66 10.07
N PRO B 237 -6.24 -18.51 11.05
CA PRO B 237 -7.20 -19.60 10.79
C PRO B 237 -8.48 -19.04 10.18
N THR B 238 -9.13 -19.87 9.35
CA THR B 238 -10.45 -19.57 8.75
C THR B 238 -11.44 -20.63 9.19
N LYS B 239 -12.73 -20.29 9.08
CA LYS B 239 -13.87 -21.19 9.39
C LYS B 239 -13.66 -22.53 8.68
N HIS B 240 -13.19 -22.57 7.43
CA HIS B 240 -13.17 -23.82 6.61
C HIS B 240 -11.78 -24.42 6.40
N ASP B 241 -10.82 -24.13 7.26
CA ASP B 241 -9.46 -24.73 7.18
C ASP B 241 -9.56 -26.24 6.93
N ARG B 242 -10.44 -26.97 7.61
CA ARG B 242 -10.44 -28.45 7.55
C ARG B 242 -10.81 -28.92 6.14
N HIS B 243 -11.55 -28.13 5.38
CA HIS B 243 -12.00 -28.50 4.01
C HIS B 243 -10.93 -28.18 2.94
N ALA B 244 -9.83 -27.49 3.26
CA ALA B 244 -8.81 -27.05 2.26
C ALA B 244 -7.90 -28.20 1.84
N ASP B 245 -7.66 -28.28 0.54
CA ASP B 245 -6.60 -29.12 -0.03
C ASP B 245 -5.25 -28.48 0.31
N LEU B 246 -5.20 -27.15 0.42
CA LEU B 246 -3.92 -26.42 0.59
C LEU B 246 -4.19 -25.15 1.40
N ARG B 247 -3.49 -24.96 2.52
CA ARG B 247 -3.58 -23.74 3.37
C ARG B 247 -2.23 -23.03 3.28
N ILE B 248 -2.21 -21.81 2.78
CA ILE B 248 -0.97 -21.00 2.71
C ILE B 248 -1.11 -19.85 3.70
N HIS B 249 -0.26 -19.84 4.74
CA HIS B 249 -0.19 -18.83 5.79
C HIS B 249 0.95 -17.87 5.45
N GLY B 250 0.61 -16.76 4.78
CA GLY B 250 1.59 -15.73 4.48
C GLY B 250 0.87 -14.55 3.94
N TYR B 251 1.61 -13.49 3.66
CA TYR B 251 1.01 -12.26 3.08
C TYR B 251 0.55 -12.50 1.64
N VAL B 252 -0.71 -12.10 1.33
CA VAL B 252 -1.28 -12.46 0.01
C VAL B 252 -0.42 -11.83 -1.09
N ASP B 253 0.13 -10.63 -0.92
CA ASP B 253 1.00 -10.03 -1.99
C ASP B 253 2.24 -10.91 -2.26
N GLU B 254 2.94 -11.40 -1.22
CA GLU B 254 4.08 -12.34 -1.40
C GLU B 254 3.61 -13.61 -2.12
N VAL B 255 2.57 -14.26 -1.66
CA VAL B 255 1.98 -15.47 -2.31
C VAL B 255 1.71 -15.17 -3.80
N MET B 256 1.03 -14.09 -4.08
CA MET B 256 0.52 -13.76 -5.45
C MET B 256 1.68 -13.31 -6.34
N THR B 257 2.73 -12.65 -5.84
CA THR B 257 3.85 -12.24 -6.71
C THR B 257 4.65 -13.47 -7.13
N ARG B 258 4.84 -14.36 -6.18
CA ARG B 258 5.52 -15.66 -6.41
C ARG B 258 4.69 -16.47 -7.39
N LEU B 259 3.37 -16.55 -7.22
CA LEU B 259 2.51 -17.30 -8.13
C LEU B 259 2.63 -16.80 -9.59
N MET B 260 2.50 -15.49 -9.79
CA MET B 260 2.61 -14.86 -11.12
C MET B 260 4.00 -15.15 -11.70
N LYS B 261 5.07 -15.10 -10.90
CA LYS B 261 6.43 -15.44 -11.40
C LYS B 261 6.47 -16.91 -11.89
N HIS B 262 5.92 -17.85 -11.14
CA HIS B 262 5.80 -19.29 -11.56
C HIS B 262 4.97 -19.41 -12.85
N LEU B 263 3.90 -18.62 -12.96
CA LEU B 263 2.99 -18.66 -14.15
C LEU B 263 3.59 -17.92 -15.35
N GLY B 264 4.76 -17.24 -15.22
CA GLY B 264 5.37 -16.41 -16.28
C GLY B 264 4.55 -15.19 -16.67
N LEU B 265 3.80 -14.60 -15.74
CA LEU B 265 2.94 -13.40 -15.95
C LEU B 265 3.53 -12.19 -15.22
N GLU B 266 3.50 -11.03 -15.88
CA GLU B 266 3.86 -9.73 -15.26
C GLU B 266 2.63 -9.24 -14.49
N ILE B 267 2.86 -8.48 -13.45
CA ILE B 267 1.76 -7.77 -12.76
C ILE B 267 1.61 -6.42 -13.45
N PRO B 268 0.45 -6.14 -14.05
CA PRO B 268 0.30 -4.90 -14.80
C PRO B 268 0.18 -3.61 -13.98
N ALA B 269 0.70 -2.55 -14.58
CA ALA B 269 0.66 -1.15 -14.11
C ALA B 269 -0.79 -0.74 -13.85
N TRP B 270 -1.05 0.05 -12.82
CA TRP B 270 -2.42 0.57 -12.60
C TRP B 270 -2.49 1.92 -13.31
N ASP B 271 -3.45 2.11 -14.21
CA ASP B 271 -3.69 3.34 -15.00
C ASP B 271 -4.24 4.50 -14.13
N GLY B 272 -4.60 4.26 -12.86
CA GLY B 272 -5.49 5.11 -12.05
C GLY B 272 -6.92 4.58 -12.14
N PRO B 273 -7.88 5.19 -11.40
CA PRO B 273 -9.25 4.65 -11.28
C PRO B 273 -9.91 4.49 -12.66
N ARG B 274 -10.33 3.28 -13.01
CA ARG B 274 -10.95 2.98 -14.32
C ARG B 274 -11.97 1.89 -14.15
N VAL B 275 -13.07 2.09 -14.83
CA VAL B 275 -14.26 1.18 -14.78
C VAL B 275 -14.38 0.44 -16.12
N LEU B 276 -14.36 -0.87 -16.05
CA LEU B 276 -14.56 -1.73 -17.21
C LEU B 276 -15.81 -2.54 -16.90
N GLU B 277 -16.84 -2.33 -17.73
CA GLU B 277 -18.13 -3.08 -17.68
C GLU B 277 -17.94 -4.51 -18.16
N ARG B 278 -17.25 -4.74 -19.28
CA ARG B 278 -17.24 -6.09 -19.90
C ARG B 278 -15.81 -6.57 -20.16
N ALA B 279 -15.54 -7.82 -19.74
CA ALA B 279 -14.30 -8.57 -20.04
C ALA B 279 -13.95 -8.45 -21.53
N LEU B 280 -12.70 -8.04 -21.78
CA LEU B 280 -12.12 -7.90 -23.13
C LEU B 280 -11.76 -9.30 -23.62
N PRO B 281 -11.53 -9.44 -24.92
CA PRO B 281 -11.04 -10.71 -25.44
C PRO B 281 -9.76 -11.08 -24.70
N PRO B 282 -9.62 -12.37 -24.34
CA PRO B 282 -8.41 -12.93 -23.71
C PRO B 282 -7.08 -12.85 -24.46
N LEU B 283 -6.05 -12.48 -23.70
CA LEU B 283 -4.71 -12.26 -24.22
C LEU B 283 -4.00 -13.59 -24.29
N PRO B 284 -2.90 -13.69 -25.10
CA PRO B 284 -2.03 -14.85 -25.10
C PRO B 284 -1.46 -15.13 -23.70
N ARG B 285 -1.31 -16.41 -23.41
CA ARG B 285 -0.66 -16.80 -22.12
C ARG B 285 0.54 -17.71 -22.39
N PRO B 286 1.47 -17.84 -21.43
CA PRO B 286 2.57 -18.79 -21.58
C PRO B 286 2.08 -20.22 -21.75
N PRO B 287 2.87 -21.06 -22.47
CA PRO B 287 2.57 -22.47 -22.56
C PRO B 287 2.72 -23.04 -21.16
N THR B 288 1.97 -24.10 -20.89
CA THR B 288 1.94 -24.86 -19.60
C THR B 288 3.13 -25.80 -19.45
N PRO B 289 3.70 -25.96 -18.24
CA PRO B 289 4.72 -26.98 -17.99
C PRO B 289 4.16 -28.40 -18.10
N LYS B 290 5.02 -29.36 -18.44
CA LYS B 290 4.70 -30.81 -18.28
C LYS B 290 4.70 -31.14 -16.79
N LEU B 291 3.57 -31.56 -16.25
CA LEU B 291 3.45 -31.93 -14.81
C LEU B 291 3.25 -33.45 -14.70
N1 AR6 C . -0.24 10.57 5.65
C2 AR6 C . 0.22 11.60 6.40
N3 AR6 C . 0.82 11.59 7.60
C4 AR6 C . 1.02 10.30 7.99
C5 AR6 C . 0.58 9.17 7.35
C6 AR6 C . -0.03 9.31 6.09
N6 AR6 C . -0.41 8.26 5.36
N7 AR6 C . 0.95 8.04 8.08
C8 AR6 C . 1.46 8.50 9.20
N9 AR6 C . 1.58 9.85 9.17
PA AR6 C . 7.02 9.18 13.29
PB AR6 C . 9.62 9.58 11.92
C1' AR6 C . 2.29 10.69 10.15
O1A AR6 C . 7.49 9.86 14.50
O1B AR6 C . 10.15 8.99 10.63
C1D AR6 C . 12.18 6.64 15.16
O1D AR6 C . 12.69 6.15 16.40
C2' AR6 C . 2.05 10.37 11.61
O2' AR6 C . 1.04 11.19 12.18
O2A AR6 C . 6.15 8.00 13.50
O2B AR6 C . 9.29 10.99 12.03
C2D AR6 C . 13.00 6.03 14.00
O2D AR6 C . 14.43 6.03 14.12
C3' AR6 C . 3.40 10.72 12.23
O3' AR6 C . 3.19 11.94 12.88
O3A AR6 C . 8.27 8.75 12.30
C3D AR6 C . 12.67 7.00 12.87
O3D AR6 C . 13.55 6.93 11.74
C4' AR6 C . 4.39 10.88 11.08
O4' AR6 C . 3.68 10.45 9.89
C4D AR6 C . 12.69 8.32 13.64
O4D AR6 C . 12.28 8.04 15.01
C5' AR6 C . 5.55 9.96 11.31
O5' AR6 C . 6.18 10.30 12.54
C5D AR6 C . 11.85 9.43 13.10
O5D AR6 C . 10.46 8.97 13.04
ZN ZN D . 35.59 -4.31 1.35
O1 PG4 E . 15.38 3.40 16.71
C1 PG4 E . 16.68 3.25 17.23
C2 PG4 E . 17.73 3.85 16.32
O2 PG4 E . 17.70 5.27 16.41
C3 PG4 E . 18.38 5.94 15.36
C4 PG4 E . 17.64 7.19 15.00
O3 PG4 E . 18.15 8.28 15.76
C5 PG4 E . 19.27 8.92 15.16
C6 PG4 E . 19.61 10.19 15.92
O4 PG4 E . 20.98 10.21 16.31
C7 PG4 E . 21.35 11.37 17.04
C8 PG4 E . 22.14 11.00 18.27
O5 PG4 E . 23.17 10.07 18.00
C1 EDO F . 0.41 23.70 -15.48
O1 EDO F . 1.77 23.21 -15.28
C2 EDO F . 0.40 24.30 -16.81
O2 EDO F . 1.65 24.04 -17.47
S SO4 G . -3.24 25.21 10.35
O1 SO4 G . -2.64 25.94 9.26
O2 SO4 G . -2.30 24.31 10.95
O3 SO4 G . -3.69 26.14 11.33
O4 SO4 G . -4.36 24.49 9.81
S SO4 H . 24.55 29.26 6.21
O1 SO4 H . 25.20 30.39 6.84
O2 SO4 H . 25.28 28.89 5.02
O3 SO4 H . 24.53 28.16 7.13
O4 SO4 H . 23.21 29.60 5.84
S SO4 I . 21.08 19.45 15.95
O1 SO4 I . 21.16 20.54 16.88
O2 SO4 I . 22.34 19.26 15.30
O3 SO4 I . 20.06 19.76 14.99
O4 SO4 I . 20.76 18.21 16.65
S SO4 J . 2.02 0.77 -10.80
O1 SO4 J . 1.41 2.07 -10.59
O2 SO4 J . 3.18 0.64 -9.97
O3 SO4 J . 2.41 0.67 -12.18
O4 SO4 J . 1.04 -0.24 -10.44
O1 TSN K . 9.30 4.09 6.40
O2 TSN K . 11.08 2.62 7.68
O3 TSN K . 12.20 -0.33 13.70
N1 TSN K . 8.98 3.36 7.48
N2 TSN K . 12.44 -2.52 19.54
C1 TSN K . 11.64 -1.46 15.44
C2 TSN K . 10.82 -2.41 16.08
C3 TSN K . 11.07 -2.76 17.42
C4 TSN K . 12.17 -2.18 18.12
C5 TSN K . 13.00 -1.27 17.46
C6 TSN K . 12.75 -0.92 16.14
C7 TSN K . 11.43 -1.14 13.96
C8 TSN K . 10.78 -1.76 12.71
C9 TSN K . 11.02 -0.78 11.49
C10 TSN K . 10.08 0.11 10.99
C11 TSN K . 10.30 1.04 9.82
C12 TSN K . 9.44 1.80 9.24
C13 TSN K . 9.90 2.59 8.04
C14 TSN K . 11.55 -3.05 12.27
C15 TSN K . 8.65 0.27 11.46
C17 TSN K . 13.50 -1.81 20.26
C16 TSN K . 11.68 -3.53 20.28
C1 EDO L . 6.61 -9.30 9.72
O1 EDO L . 6.24 -10.66 9.50
C2 EDO L . 7.46 -8.72 8.66
O2 EDO L . 8.28 -7.65 9.10
N1 AR6 M . -2.27 -11.42 3.68
C2 AR6 M . -2.95 -12.48 4.13
N3 AR6 M . -3.95 -12.55 5.03
C4 AR6 M . -4.27 -11.33 5.45
C5 AR6 M . -3.62 -10.15 5.14
C6 AR6 M . -2.57 -10.20 4.21
N6 AR6 M . -1.93 -9.10 3.78
N7 AR6 M . -4.19 -9.10 5.85
C8 AR6 M . -5.14 -9.66 6.59
N9 AR6 M . -5.23 -10.98 6.37
PA AR6 M . -11.94 -10.69 7.95
PB AR6 M . -13.71 -10.74 5.64
C1' AR6 M . -6.28 -11.86 6.92
O1A AR6 M . -12.85 -11.55 8.77
O1B AR6 M . -13.62 -10.03 4.32
C1D AR6 M . -17.57 -8.17 7.76
O1D AR6 M . -18.52 -7.97 8.75
C2' AR6 M . -6.69 -11.76 8.38
O2' AR6 M . -5.93 -12.73 9.06
O2A AR6 M . -11.34 -9.45 8.54
O2B AR6 M . -13.38 -12.21 5.63
C2D AR6 M . -17.86 -7.42 6.44
O2D AR6 M . -19.23 -7.41 6.06
C3' AR6 M . -8.17 -12.15 8.34
O3' AR6 M . -8.31 -13.47 8.81
O3A AR6 M . -12.60 -10.09 6.61
C3D AR6 M . -17.02 -8.20 5.45
O3D AR6 M . -17.39 -8.00 4.10
C4' AR6 M . -8.60 -12.03 6.88
O4' AR6 M . -7.43 -11.58 6.14
C4D AR6 M . -17.34 -9.62 5.96
O4D AR6 M . -17.50 -9.51 7.40
C5' AR6 M . -9.74 -11.09 6.70
O5' AR6 M . -10.83 -11.63 7.51
C5D AR6 M . -16.29 -10.64 5.68
O5D AR6 M . -15.06 -10.30 6.32
ZN ZN N . -33.55 5.10 -12.60
O1 PG4 O . -22.57 -5.27 7.82
C1 PG4 O . -22.38 -6.62 7.41
C2 PG4 O . -23.13 -6.95 6.13
O2 PG4 O . -22.57 -8.11 5.53
C3 PG4 O . -23.19 -9.33 5.92
C4 PG4 O . -24.15 -9.79 4.87
O3 PG4 O . -25.32 -10.36 5.46
C5 PG4 O . -25.37 -11.78 5.39
C6 PG4 O . -26.79 -12.23 5.10
O4 PG4 O . -27.72 -11.31 5.66
C7 PG4 O . -28.96 -11.90 6.04
C8 PG4 O . -28.90 -12.35 7.48
O5 PG4 O . -29.96 -11.84 8.23
C1 EDO P . 5.47 -21.31 -17.53
O1 EDO P . 4.18 -21.67 -18.04
C2 EDO P . 6.45 -21.46 -18.62
O2 EDO P . 5.78 -21.20 -19.85
S SO4 Q . -2.75 -0.81 11.72
O1 SO4 Q . -1.39 -0.39 11.46
O2 SO4 Q . -2.90 -1.02 13.13
O3 SO4 Q . -3.65 0.25 11.34
O4 SO4 Q . -3.07 -2.01 11.05
S SO4 R . -1.17 -26.15 7.48
O1 SO4 R . -0.44 -24.97 7.82
O2 SO4 R . -0.97 -27.15 8.49
O3 SO4 R . -0.72 -26.67 6.22
O4 SO4 R . -2.57 -25.83 7.42
S SO4 S . -25.66 -20.71 3.12
O1 SO4 S . -25.93 -19.47 3.82
O2 SO4 S . -24.23 -21.01 3.16
O3 SO4 S . -26.06 -20.58 1.75
O4 SO4 S . -26.39 -21.77 3.75
O1 TSN T . -11.15 -4.85 1.51
O2 TSN T . -13.74 -3.34 1.85
O3 TSN T . -17.17 -0.75 7.45
N1 TSN T . -11.60 -4.11 2.48
N2 TSN T . -17.22 1.23 13.61
C1 TSN T . -16.61 0.30 9.48
C2 TSN T . -15.71 1.16 10.14
C3 TSN T . -15.90 1.47 11.50
C4 TSN T . -17.01 0.93 12.19
C5 TSN T . -17.91 0.09 11.52
C6 TSN T . -17.72 -0.22 10.18
C7 TSN T . -16.41 -0.05 7.99
C8 TSN T . -15.34 0.53 7.07
C9 TSN T . -15.02 -0.34 5.81
C10 TSN T . -14.01 -1.15 5.70
C11 TSN T . -13.76 -1.82 4.33
C12 TSN T . -12.93 -2.80 4.08
C13 TSN T . -12.82 -3.40 2.67
C14 TSN T . -15.90 1.87 6.54
C15 TSN T . -12.90 -1.41 6.73
C17 TSN T . -18.46 1.86 14.06
C16 TSN T . -16.18 0.87 14.58
#